data_8YXN
#
_entry.id   8YXN
#
_cell.length_a   37.130
_cell.length_b   47.520
_cell.length_c   64.310
_cell.angle_alpha   94.790
_cell.angle_beta   89.916
_cell.angle_gamma   96.290
#
_symmetry.space_group_name_H-M   'P 1'
#
loop_
_entity.id
_entity.type
_entity.pdbx_description
1 polymer 'Cell surface protein'
2 water water
#
_entity_poly.entity_id   1
_entity_poly.type   'polypeptide(L)'
_entity_poly.pdbx_seq_one_letter_code
;MNHKVHHHHHHMLDIGNASKTNYGVSLNEYIKLQQRNNPSNYSYSEFEKYINPAKATNKLQFLRIDKFRSVNVSGLSSRL
SNKGVLTGQGQAFVNAAKAFNIDPIYLVAQCLHETGNGTSKLAKGVTITEIADESKPIYNGNGQLVGYHMIKLSKPVTVY
NLFGIGAKDNSSVFPNRALILGTTYAYNRGWTSIENAIKGAAEFVSLNYVHSSRYSQNTLYKMRYNQNVSNIWHQYATTP
WYASSIADIMRSYQDLYLENNFTFDVPVFAG
;
_entity_poly.pdbx_strand_id   A,B
#
# COMPACT_ATOMS: atom_id res chain seq x y z
N ILE A 15 26.66 4.48 -0.55
CA ILE A 15 27.17 3.28 -1.29
C ILE A 15 27.77 3.75 -2.64
N GLY A 16 28.75 3.01 -3.15
CA GLY A 16 29.38 3.24 -4.47
C GLY A 16 28.34 3.21 -5.58
N ASN A 17 27.37 2.29 -5.49
CA ASN A 17 26.16 2.28 -6.36
C ASN A 17 25.16 3.33 -5.85
N ALA A 18 25.50 4.59 -6.11
CA ALA A 18 24.69 5.79 -5.84
C ALA A 18 24.95 6.79 -6.95
N SER A 19 23.91 7.52 -7.36
CA SER A 19 24.07 8.68 -8.25
C SER A 19 24.36 9.91 -7.38
N LYS A 20 24.68 11.02 -8.03
CA LYS A 20 25.02 12.28 -7.33
CA LYS A 20 25.01 12.28 -7.32
C LYS A 20 24.13 13.40 -7.87
N THR A 21 23.74 14.32 -6.98
CA THR A 21 22.92 15.51 -7.35
C THR A 21 23.74 16.74 -7.02
N ASN A 22 24.06 17.56 -8.03
CA ASN A 22 24.89 18.77 -7.84
C ASN A 22 24.03 19.89 -7.24
N TYR A 23 24.47 20.41 -6.11
CA TYR A 23 23.84 21.54 -5.38
C TYR A 23 24.25 22.87 -6.02
N GLY A 24 25.36 22.85 -6.77
CA GLY A 24 25.75 23.95 -7.69
C GLY A 24 26.32 25.17 -6.98
N VAL A 25 26.51 25.10 -5.67
CA VAL A 25 27.21 26.11 -4.83
C VAL A 25 28.18 25.36 -3.92
N SER A 26 29.10 26.08 -3.29
CA SER A 26 30.08 25.47 -2.36
C SER A 26 29.34 25.02 -1.10
N LEU A 27 29.90 24.04 -0.40
CA LEU A 27 29.41 23.65 0.95
C LEU A 27 29.29 24.91 1.81
N ASN A 28 30.33 25.74 1.86
CA ASN A 28 30.30 26.93 2.72
C ASN A 28 29.13 27.86 2.30
N GLU A 29 28.93 28.11 1.04
CA GLU A 29 27.85 29.01 0.56
C GLU A 29 26.52 28.37 0.92
N TYR A 30 26.39 27.05 0.78
CA TYR A 30 25.08 26.40 1.04
C TYR A 30 24.76 26.54 2.53
N ILE A 31 25.74 26.27 3.41
CA ILE A 31 25.52 26.40 4.88
C ILE A 31 25.04 27.84 5.17
N LYS A 32 25.69 28.86 4.57
CA LYS A 32 25.34 30.28 4.80
C LYS A 32 23.91 30.56 4.28
N LEU A 33 23.52 30.01 3.14
CA LEU A 33 22.10 30.16 2.65
C LEU A 33 21.14 29.54 3.64
N GLN A 34 21.40 28.35 4.17
CA GLN A 34 20.50 27.70 5.14
C GLN A 34 20.41 28.57 6.38
N GLN A 35 21.54 29.10 6.86
CA GLN A 35 21.53 29.87 8.13
C GLN A 35 20.68 31.13 7.97
N ARG A 36 20.85 31.88 6.88
CA ARG A 36 20.13 33.17 6.64
C ARG A 36 18.64 32.90 6.32
N ASN A 37 18.28 31.73 5.78
CA ASN A 37 16.87 31.53 5.35
C ASN A 37 16.07 30.88 6.48
N ASN A 38 16.70 30.20 7.42
CA ASN A 38 15.99 29.50 8.53
C ASN A 38 15.28 30.51 9.41
N PRO A 39 14.00 30.31 9.75
CA PRO A 39 13.34 31.20 10.69
C PRO A 39 13.91 31.14 12.11
N SER A 40 14.68 30.09 12.44
CA SER A 40 15.37 29.93 13.73
CA SER A 40 15.37 30.02 13.74
C SER A 40 16.87 30.15 13.51
N ASN A 41 17.58 30.49 14.57
CA ASN A 41 19.01 30.81 14.49
C ASN A 41 19.76 29.58 15.00
N TYR A 42 20.50 28.93 14.11
CA TYR A 42 21.47 27.85 14.39
C TYR A 42 22.86 28.29 13.92
N SER A 43 23.88 27.73 14.54
CA SER A 43 25.29 28.04 14.22
C SER A 43 25.72 27.38 12.93
N TYR A 44 26.78 27.94 12.35
CA TYR A 44 27.49 27.38 11.18
C TYR A 44 27.90 25.96 11.54
N SER A 45 28.49 25.77 12.72
CA SER A 45 28.99 24.46 13.17
C SER A 45 27.89 23.38 13.14
N GLU A 46 26.70 23.69 13.72
CA GLU A 46 25.58 22.72 13.77
C GLU A 46 25.13 22.40 12.33
N PHE A 47 24.98 23.41 11.48
CA PHE A 47 24.59 23.17 10.07
C PHE A 47 25.65 22.33 9.34
N GLU A 48 26.92 22.68 9.52
CA GLU A 48 28.02 22.02 8.74
C GLU A 48 28.03 20.52 9.02
N LYS A 49 27.84 20.08 10.27
CA LYS A 49 28.00 18.64 10.56
C LYS A 49 26.83 17.82 9.96
N TYR A 50 25.68 18.46 9.69
CA TYR A 50 24.52 17.73 9.12
C TYR A 50 24.48 17.92 7.61
N ILE A 51 24.97 19.03 7.09
CA ILE A 51 24.95 19.26 5.62
C ILE A 51 26.11 18.54 4.93
N ASN A 52 27.27 18.48 5.56
CA ASN A 52 28.47 17.91 4.90
C ASN A 52 28.29 16.41 4.68
N PRO A 53 28.16 15.89 3.44
CA PRO A 53 27.83 14.48 3.26
C PRO A 53 28.98 13.55 3.70
N ALA A 54 30.18 14.09 3.82
CA ALA A 54 31.34 13.29 4.28
C ALA A 54 31.20 12.98 5.78
N LYS A 55 30.33 13.68 6.51
CA LYS A 55 30.15 13.45 7.95
C LYS A 55 28.95 12.55 8.22
N ALA A 56 28.17 12.22 7.19
CA ALA A 56 27.03 11.30 7.33
C ALA A 56 27.58 9.90 7.69
N THR A 57 27.15 9.37 8.83
CA THR A 57 27.44 7.98 9.26
C THR A 57 26.35 7.05 8.68
N ASN A 58 25.14 7.59 8.47
CA ASN A 58 23.91 6.80 8.18
C ASN A 58 23.47 7.10 6.73
N LYS A 59 23.70 6.14 5.83
CA LYS A 59 23.47 6.32 4.36
C LYS A 59 21.96 6.32 4.06
N LEU A 60 21.10 5.96 5.01
CA LEU A 60 19.65 5.94 4.71
C LEU A 60 19.11 7.36 4.44
N GLN A 61 19.77 8.42 4.91
CA GLN A 61 19.30 9.79 4.54
C GLN A 61 19.45 10.03 3.04
N PHE A 62 20.18 9.16 2.32
CA PHE A 62 20.37 9.31 0.86
C PHE A 62 19.60 8.24 0.04
N LEU A 63 18.81 7.44 0.73
CA LEU A 63 18.01 6.39 0.07
C LEU A 63 16.93 7.09 -0.76
N ARG A 64 16.70 6.67 -2.00
CA ARG A 64 15.57 7.19 -2.82
C ARG A 64 14.27 6.59 -2.28
N ILE A 65 13.35 7.42 -1.83
CA ILE A 65 12.12 6.97 -1.11
C ILE A 65 10.92 7.11 -2.03
N ASP A 66 11.12 7.48 -3.30
CA ASP A 66 10.05 7.68 -4.29
C ASP A 66 9.71 6.35 -4.95
N LYS A 67 9.74 5.24 -4.21
CA LYS A 67 9.22 3.96 -4.71
C LYS A 67 8.78 3.12 -3.54
N PHE A 68 7.65 2.45 -3.68
CA PHE A 68 7.25 1.43 -2.69
C PHE A 68 8.28 0.29 -2.71
N ARG A 69 8.64 -0.19 -1.52
CA ARG A 69 9.51 -1.36 -1.35
C ARG A 69 8.77 -2.34 -0.42
N SER A 70 8.62 -3.57 -0.84
CA SER A 70 7.95 -4.62 -0.02
C SER A 70 8.63 -4.81 1.34
N VAL A 71 7.82 -4.94 2.38
CA VAL A 71 8.26 -5.25 3.77
C VAL A 71 7.42 -6.37 4.37
N ASN A 72 7.99 -6.99 5.39
CA ASN A 72 7.28 -7.96 6.25
C ASN A 72 6.26 -7.20 7.08
N VAL A 73 4.99 -7.22 6.68
CA VAL A 73 3.93 -6.42 7.36
C VAL A 73 3.74 -6.89 8.80
N SER A 74 3.61 -8.20 9.05
CA SER A 74 3.45 -8.70 10.43
C SER A 74 4.70 -8.39 11.27
N GLY A 75 5.88 -8.45 10.69
CA GLY A 75 7.12 -8.11 11.38
C GLY A 75 7.11 -6.62 11.75
N LEU A 76 6.57 -5.77 10.87
CA LEU A 76 6.51 -4.33 11.15
C LEU A 76 5.51 -4.09 12.27
N SER A 77 4.34 -4.71 12.23
CA SER A 77 3.31 -4.49 13.28
C SER A 77 3.91 -4.92 14.63
N SER A 78 4.63 -6.04 14.65
CA SER A 78 5.30 -6.54 15.88
C SER A 78 6.32 -5.53 16.43
N ARG A 79 7.11 -4.91 15.55
CA ARG A 79 8.20 -3.96 15.91
C ARG A 79 7.60 -2.65 16.46
N LEU A 80 6.42 -2.26 16.04
CA LEU A 80 5.72 -1.03 16.49
C LEU A 80 5.07 -1.37 17.82
N SER A 81 5.93 -1.72 18.79
CA SER A 81 5.58 -2.37 20.08
C SER A 81 4.93 -1.37 21.03
N ASN A 82 5.56 -0.23 21.24
CA ASN A 82 5.14 0.69 22.32
C ASN A 82 5.08 2.10 21.75
N LYS A 83 4.23 2.30 20.74
CA LYS A 83 4.25 3.53 19.92
C LYS A 83 2.92 4.26 20.02
N GLY A 84 2.30 4.29 21.20
CA GLY A 84 1.08 5.09 21.33
C GLY A 84 0.05 4.70 20.29
N VAL A 85 -0.53 5.69 19.62
CA VAL A 85 -1.67 5.50 18.68
C VAL A 85 -1.14 4.70 17.47
N LEU A 86 0.19 4.62 17.26
CA LEU A 86 0.76 3.91 16.08
C LEU A 86 1.07 2.45 16.44
N THR A 87 0.77 2.00 17.67
CA THR A 87 1.15 0.64 18.14
C THR A 87 0.46 -0.38 17.23
N GLY A 88 1.24 -1.30 16.67
CA GLY A 88 0.76 -2.46 15.90
C GLY A 88 0.26 -2.06 14.51
N GLN A 89 0.44 -0.81 14.07
CA GLN A 89 -0.26 -0.31 12.85
C GLN A 89 0.57 -0.60 11.58
N GLY A 90 1.20 -1.76 11.48
CA GLY A 90 2.00 -2.10 10.29
C GLY A 90 1.11 -2.04 9.05
N GLN A 91 -0.10 -2.62 9.12
CA GLN A 91 -0.91 -2.72 7.87
C GLN A 91 -1.23 -1.31 7.33
N ALA A 92 -1.64 -0.38 8.21
CA ALA A 92 -2.07 0.97 7.80
C ALA A 92 -0.88 1.68 7.14
N PHE A 93 0.34 1.51 7.66
CA PHE A 93 1.55 2.14 7.09
C PHE A 93 1.84 1.53 5.71
N VAL A 94 1.78 0.21 5.56
CA VAL A 94 2.12 -0.42 4.26
C VAL A 94 1.04 -0.04 3.23
N ASN A 95 -0.24 -0.09 3.62
CA ASN A 95 -1.33 0.30 2.70
C ASN A 95 -1.13 1.72 2.17
N ALA A 96 -0.78 2.64 3.07
CA ALA A 96 -0.56 4.06 2.72
C ALA A 96 0.66 4.17 1.80
N ALA A 97 1.75 3.53 2.16
CA ALA A 97 2.98 3.63 1.35
C ALA A 97 2.74 3.04 -0.04
N LYS A 98 2.00 1.93 -0.13
CA LYS A 98 1.70 1.30 -1.43
C LYS A 98 0.85 2.25 -2.29
N ALA A 99 -0.18 2.83 -1.69
CA ALA A 99 -1.13 3.72 -2.41
C ALA A 99 -0.36 4.91 -3.04
N PHE A 100 0.67 5.42 -2.38
CA PHE A 100 1.39 6.64 -2.81
C PHE A 100 2.74 6.28 -3.39
N ASN A 101 3.06 5.00 -3.53
CA ASN A 101 4.34 4.59 -4.18
C ASN A 101 5.52 5.27 -3.48
N ILE A 102 5.55 5.16 -2.15
CA ILE A 102 6.68 5.64 -1.34
C ILE A 102 7.19 4.50 -0.45
N ASP A 103 8.41 4.68 0.07
CA ASP A 103 9.08 3.64 0.86
C ASP A 103 8.39 3.55 2.22
N PRO A 104 7.89 2.37 2.63
CA PRO A 104 7.12 2.27 3.88
C PRO A 104 7.97 2.43 5.15
N ILE A 105 9.24 2.08 5.10
CA ILE A 105 10.11 2.23 6.30
C ILE A 105 10.37 3.72 6.47
N TYR A 106 10.57 4.46 5.38
CA TYR A 106 10.63 5.94 5.45
C TYR A 106 9.34 6.47 6.10
N LEU A 107 8.17 6.05 5.62
CA LEU A 107 6.89 6.58 6.12
C LEU A 107 6.75 6.30 7.61
N VAL A 108 7.06 5.10 8.04
CA VAL A 108 7.02 4.73 9.48
C VAL A 108 7.91 5.70 10.25
N ALA A 109 9.15 5.85 9.81
CA ALA A 109 10.18 6.63 10.56
C ALA A 109 9.73 8.09 10.61
N GLN A 110 9.24 8.63 9.49
CA GLN A 110 8.75 10.03 9.40
C GLN A 110 7.62 10.23 10.43
N CYS A 111 6.65 9.34 10.46
CA CYS A 111 5.51 9.44 11.40
C CYS A 111 5.98 9.27 12.85
N LEU A 112 6.87 8.32 13.12
CA LEU A 112 7.36 8.11 14.52
C LEU A 112 8.01 9.42 14.97
N HIS A 113 8.86 10.02 14.13
CA HIS A 113 9.60 11.25 14.55
C HIS A 113 8.62 12.40 14.77
N GLU A 114 7.66 12.62 13.86
CA GLU A 114 6.72 13.76 13.86
C GLU A 114 5.69 13.67 14.99
N THR A 115 5.32 12.47 15.45
CA THR A 115 4.28 12.25 16.50
C THR A 115 4.92 11.97 17.88
N GLY A 116 6.24 11.96 18.01
CA GLY A 116 6.92 11.54 19.26
C GLY A 116 6.57 10.11 19.63
N ASN A 117 6.78 9.16 18.73
CA ASN A 117 6.35 7.76 18.92
C ASN A 117 4.86 7.66 19.30
N GLY A 118 4.00 8.35 18.57
CA GLY A 118 2.54 8.21 18.66
C GLY A 118 1.95 8.90 19.87
N THR A 119 2.64 9.90 20.43
CA THR A 119 2.25 10.52 21.74
C THR A 119 1.79 11.99 21.61
N SER A 120 1.99 12.64 20.46
CA SER A 120 1.66 14.07 20.26
C SER A 120 0.14 14.22 20.36
N LYS A 121 -0.34 15.38 20.79
CA LYS A 121 -1.78 15.64 21.01
C LYS A 121 -2.59 15.34 19.74
N LEU A 122 -2.23 15.97 18.61
CA LEU A 122 -2.98 15.85 17.33
C LEU A 122 -2.97 14.40 16.83
N ALA A 123 -1.89 13.65 17.06
CA ALA A 123 -1.72 12.23 16.63
C ALA A 123 -2.62 11.30 17.46
N LYS A 124 -2.67 11.46 18.79
CA LYS A 124 -3.40 10.56 19.73
C LYS A 124 -4.90 10.68 19.51
N GLY A 125 -5.33 11.79 18.92
CA GLY A 125 -6.75 12.06 18.57
C GLY A 125 -7.34 13.09 19.51
N VAL A 126 -7.94 14.12 18.93
CA VAL A 126 -8.68 15.20 19.67
C VAL A 126 -10.16 15.00 19.35
N THR A 127 -10.98 14.79 20.39
CA THR A 127 -12.44 14.68 20.24
C THR A 127 -12.96 16.12 20.20
N ILE A 128 -13.30 16.59 19.00
CA ILE A 128 -13.78 17.97 18.77
C ILE A 128 -15.31 17.90 18.68
N THR A 129 -15.97 18.99 19.08
CA THR A 129 -17.45 19.15 19.01
C THR A 129 -17.75 20.25 17.99
N GLU A 130 -16.73 20.89 17.43
CA GLU A 130 -16.91 21.95 16.40
C GLU A 130 -15.64 22.11 15.55
N ILE A 131 -15.81 22.69 14.37
CA ILE A 131 -14.71 23.00 13.42
C ILE A 131 -14.73 24.50 13.10
N ALA A 132 -13.62 25.04 12.61
CA ALA A 132 -13.47 26.45 12.23
C ALA A 132 -14.05 26.66 10.84
N ASP A 133 -14.67 27.83 10.63
CA ASP A 133 -14.91 28.47 9.30
C ASP A 133 -13.84 29.54 9.13
N GLU A 134 -12.76 29.22 8.40
CA GLU A 134 -11.56 30.10 8.25
C GLU A 134 -11.91 31.30 7.35
N SER A 135 -13.08 31.28 6.71
CA SER A 135 -13.59 32.40 5.86
C SER A 135 -14.19 33.50 6.74
N LYS A 136 -14.39 33.24 8.04
CA LYS A 136 -15.03 34.19 8.99
C LYS A 136 -14.14 34.42 10.20
N PRO A 137 -12.92 34.96 10.01
CA PRO A 137 -12.02 35.22 11.14
C PRO A 137 -12.60 36.24 12.13
N ILE A 138 -12.03 36.29 13.34
CA ILE A 138 -12.46 37.23 14.42
C ILE A 138 -11.19 37.90 14.96
N TYR A 139 -11.18 39.24 14.97
CA TYR A 139 -10.00 40.10 15.28
C TYR A 139 -10.22 40.76 16.64
N ASN A 140 -9.15 40.96 17.43
CA ASN A 140 -9.19 41.67 18.75
C ASN A 140 -9.15 43.18 18.49
N GLY A 141 -9.08 43.98 19.55
CA GLY A 141 -8.97 45.46 19.50
C GLY A 141 -7.78 45.93 18.66
N ASN A 142 -6.64 45.23 18.74
CA ASN A 142 -5.40 45.52 17.97
C ASN A 142 -5.44 44.83 16.59
N GLY A 143 -6.64 44.47 16.10
CA GLY A 143 -6.89 43.95 14.74
C GLY A 143 -6.19 42.63 14.47
N GLN A 144 -5.63 41.98 15.50
CA GLN A 144 -4.94 40.66 15.39
C GLN A 144 -5.97 39.52 15.44
N LEU A 145 -5.69 38.43 14.72
CA LEU A 145 -6.58 37.24 14.65
C LEU A 145 -6.60 36.55 16.02
N VAL A 146 -7.80 36.29 16.57
CA VAL A 146 -7.99 35.60 17.89
C VAL A 146 -8.94 34.39 17.76
N GLY A 147 -9.63 34.22 16.63
CA GLY A 147 -10.60 33.12 16.44
C GLY A 147 -11.23 33.09 15.06
N TYR A 148 -12.17 32.18 14.87
CA TYR A 148 -13.08 32.08 13.70
C TYR A 148 -14.49 31.76 14.18
N HIS A 149 -15.51 32.14 13.42
CA HIS A 149 -16.90 31.66 13.67
C HIS A 149 -16.88 30.12 13.53
N MET A 150 -17.34 29.40 14.56
CA MET A 150 -17.23 27.92 14.67
C MET A 150 -18.54 27.27 14.20
N ILE A 151 -18.44 26.02 13.75
CA ILE A 151 -19.56 25.19 13.22
C ILE A 151 -19.84 24.03 14.17
N LYS A 152 -21.08 23.92 14.63
CA LYS A 152 -21.59 22.83 15.51
C LYS A 152 -21.55 21.52 14.73
N LEU A 153 -21.04 20.45 15.34
CA LEU A 153 -21.14 19.06 14.81
C LEU A 153 -22.22 18.31 15.61
N SER A 154 -22.92 17.39 14.94
CA SER A 154 -24.11 16.69 15.47
C SER A 154 -23.70 15.71 16.60
N LYS A 155 -22.43 15.30 16.63
CA LYS A 155 -21.85 14.55 17.77
C LYS A 155 -20.37 14.93 17.92
N PRO A 156 -19.74 14.58 19.07
CA PRO A 156 -18.28 14.70 19.19
C PRO A 156 -17.60 13.72 18.22
N VAL A 157 -16.61 14.21 17.46
CA VAL A 157 -15.85 13.38 16.47
C VAL A 157 -14.35 13.44 16.85
N THR A 158 -13.68 12.28 16.96
CA THR A 158 -12.22 12.19 17.24
C THR A 158 -11.50 12.28 15.89
N VAL A 159 -10.61 13.26 15.74
CA VAL A 159 -9.84 13.46 14.49
C VAL A 159 -8.36 13.31 14.81
N TYR A 160 -7.58 12.91 13.81
CA TYR A 160 -6.16 12.58 13.94
C TYR A 160 -5.41 13.40 12.89
N ASN A 161 -4.25 13.88 13.27
CA ASN A 161 -3.40 14.71 12.39
C ASN A 161 -1.96 14.39 12.77
N LEU A 162 -1.24 13.60 11.97
CA LEU A 162 0.10 13.14 12.38
C LEU A 162 1.15 14.25 12.21
N PHE A 163 1.00 15.13 11.23
CA PHE A 163 2.09 16.05 10.78
C PHE A 163 1.63 17.48 11.01
N GLY A 164 0.47 17.66 11.64
CA GLY A 164 -0.11 19.00 11.89
C GLY A 164 -0.29 19.72 10.58
N ILE A 165 -0.79 19.01 9.57
CA ILE A 165 -1.08 19.59 8.24
C ILE A 165 -2.26 20.55 8.41
N GLY A 166 -2.13 21.76 7.87
CA GLY A 166 -3.14 22.81 8.03
C GLY A 166 -2.97 23.58 9.34
N ALA A 167 -2.28 23.00 10.33
CA ALA A 167 -2.05 23.55 11.69
C ALA A 167 -1.05 24.71 11.63
N LYS A 168 -1.52 25.85 11.12
CA LYS A 168 -0.70 27.07 10.91
C LYS A 168 -0.33 27.67 12.27
N ASP A 169 0.72 28.52 12.27
CA ASP A 169 1.48 28.94 13.48
C ASP A 169 0.55 29.62 14.50
N ASN A 170 0.82 29.35 15.78
CA ASN A 170 0.26 30.08 16.95
C ASN A 170 0.86 31.49 17.00
N SER A 171 0.03 32.50 17.24
CA SER A 171 0.47 33.87 17.66
C SER A 171 0.34 33.98 19.18
N SER A 172 0.98 34.98 19.79
CA SER A 172 0.86 35.28 21.24
C SER A 172 -0.62 35.41 21.62
N VAL A 173 -1.43 36.03 20.75
CA VAL A 173 -2.88 36.35 21.03
C VAL A 173 -3.78 35.18 20.59
N PHE A 174 -3.29 34.26 19.76
CA PHE A 174 -4.05 33.05 19.33
C PHE A 174 -3.20 31.82 19.60
N PRO A 175 -3.02 31.45 20.90
CA PRO A 175 -2.03 30.45 21.28
C PRO A 175 -2.41 29.01 20.90
N ASN A 176 -3.69 28.77 20.56
CA ASN A 176 -4.23 27.44 20.13
C ASN A 176 -4.61 27.45 18.64
N ARG A 177 -4.01 28.34 17.84
CA ARG A 177 -4.40 28.48 16.41
C ARG A 177 -4.09 27.15 15.69
N ALA A 178 -2.92 26.57 15.94
CA ALA A 178 -2.46 25.31 15.29
C ALA A 178 -3.43 24.18 15.63
N LEU A 179 -4.00 24.17 16.84
CA LEU A 179 -4.93 23.10 17.25
C LEU A 179 -6.27 23.28 16.53
N ILE A 180 -6.78 24.50 16.49
CA ILE A 180 -8.08 24.81 15.83
C ILE A 180 -7.95 24.42 14.36
N LEU A 181 -6.91 24.88 13.68
CA LEU A 181 -6.78 24.65 12.21
C LEU A 181 -6.35 23.21 11.92
N GLY A 182 -5.48 22.62 12.74
CA GLY A 182 -5.07 21.21 12.60
C GLY A 182 -6.25 20.26 12.75
N THR A 183 -7.17 20.51 13.71
CA THR A 183 -8.31 19.59 13.92
C THR A 183 -9.37 19.81 12.83
N THR A 184 -9.57 21.06 12.39
CA THR A 184 -10.51 21.42 11.30
C THR A 184 -10.01 20.79 9.98
N TYR A 185 -8.74 20.96 9.65
CA TYR A 185 -8.14 20.33 8.43
C TYR A 185 -8.34 18.81 8.47
N ALA A 186 -8.03 18.17 9.61
CA ALA A 186 -8.22 16.71 9.80
C ALA A 186 -9.69 16.35 9.57
N TYR A 187 -10.64 17.05 10.20
CA TYR A 187 -12.08 16.77 9.99
C TYR A 187 -12.40 16.81 8.50
N ASN A 188 -11.99 17.87 7.84
CA ASN A 188 -12.34 18.20 6.43
C ASN A 188 -11.62 17.28 5.44
N ARG A 189 -10.57 16.57 5.87
CA ARG A 189 -9.90 15.51 5.06
C ARG A 189 -10.49 14.14 5.35
N GLY A 190 -11.40 14.05 6.32
CA GLY A 190 -11.95 12.78 6.80
C GLY A 190 -10.97 11.95 7.60
N TRP A 191 -9.98 12.57 8.27
CA TRP A 191 -9.02 11.82 9.12
C TRP A 191 -9.69 11.49 10.45
N THR A 192 -10.68 10.60 10.45
CA THR A 192 -11.47 10.19 11.65
C THR A 192 -10.98 8.83 12.16
N SER A 193 -9.89 8.29 11.60
CA SER A 193 -9.27 7.04 12.04
C SER A 193 -7.75 7.23 11.93
N ILE A 194 -7.00 6.45 12.69
CA ILE A 194 -5.52 6.40 12.55
C ILE A 194 -5.19 5.96 11.11
N GLU A 195 -5.94 5.01 10.53
CA GLU A 195 -5.66 4.48 9.16
C GLU A 195 -5.76 5.65 8.17
N ASN A 196 -6.82 6.43 8.23
CA ASN A 196 -7.03 7.55 7.26
C ASN A 196 -5.98 8.61 7.50
N ALA A 197 -5.58 8.86 8.75
CA ALA A 197 -4.55 9.89 9.04
C ALA A 197 -3.21 9.44 8.47
N ILE A 198 -2.93 8.16 8.49
CA ILE A 198 -1.62 7.67 7.96
C ILE A 198 -1.69 7.89 6.45
N LYS A 199 -2.80 7.54 5.82
CA LYS A 199 -2.93 7.76 4.35
C LYS A 199 -2.74 9.25 4.03
N GLY A 200 -3.30 10.15 4.85
CA GLY A 200 -3.18 11.61 4.68
C GLY A 200 -1.74 12.07 4.78
N ALA A 201 -0.97 11.48 5.71
CA ALA A 201 0.44 11.83 5.93
C ALA A 201 1.25 11.42 4.67
N ALA A 202 1.01 10.20 4.18
CA ALA A 202 1.71 9.68 3.00
C ALA A 202 1.41 10.59 1.79
N GLU A 203 0.15 10.95 1.61
CA GLU A 203 -0.25 11.83 0.50
C GLU A 203 0.51 13.16 0.59
N PHE A 204 0.58 13.74 1.79
CA PHE A 204 1.24 15.06 1.94
C PHE A 204 2.69 14.96 1.49
N VAL A 205 3.43 14.00 2.00
CA VAL A 205 4.88 13.92 1.64
C VAL A 205 5.03 13.52 0.18
N SER A 206 4.16 12.67 -0.37
CA SER A 206 4.30 12.23 -1.76
C SER A 206 4.07 13.40 -2.70
N LEU A 207 2.91 14.03 -2.61
CA LEU A 207 2.53 15.03 -3.65
C LEU A 207 3.39 16.29 -3.52
N ASN A 208 3.74 16.68 -2.30
CA ASN A 208 4.43 17.97 -2.03
C ASN A 208 5.94 17.82 -2.24
N TYR A 209 6.52 16.65 -1.95
CA TYR A 209 8.00 16.50 -1.89
C TYR A 209 8.47 15.37 -2.79
N VAL A 210 8.11 14.12 -2.44
CA VAL A 210 8.84 12.92 -2.91
C VAL A 210 8.55 12.66 -4.39
N HIS A 211 7.29 12.87 -4.81
CA HIS A 211 6.85 12.61 -6.20
C HIS A 211 6.49 13.92 -6.90
N SER A 212 6.82 15.07 -6.31
CA SER A 212 6.71 16.38 -7.00
C SER A 212 7.66 16.41 -8.21
N SER A 213 7.16 16.62 -9.43
CA SER A 213 8.06 16.82 -10.59
C SER A 213 8.74 18.18 -10.52
N ARG A 214 8.17 19.13 -9.81
CA ARG A 214 8.79 20.46 -9.68
CA ARG A 214 8.75 20.49 -9.65
C ARG A 214 9.90 20.44 -8.62
N TYR A 215 9.65 19.77 -7.50
CA TYR A 215 10.62 19.82 -6.37
C TYR A 215 11.61 18.64 -6.40
N SER A 216 11.16 17.44 -6.75
CA SER A 216 11.97 16.19 -6.79
C SER A 216 12.76 16.00 -5.49
N GLN A 217 12.10 16.13 -4.35
CA GLN A 217 12.75 16.01 -3.03
C GLN A 217 12.55 14.56 -2.55
N ASN A 218 13.28 13.65 -3.15
CA ASN A 218 13.02 12.19 -3.15
C ASN A 218 14.05 11.41 -2.30
N THR A 219 14.75 12.09 -1.38
CA THR A 219 15.52 11.47 -0.27
C THR A 219 15.22 12.30 0.98
N LEU A 220 15.47 11.75 2.18
CA LEU A 220 15.34 12.54 3.41
C LEU A 220 16.23 13.78 3.37
N TYR A 221 17.48 13.63 2.91
CA TYR A 221 18.40 14.77 2.85
C TYR A 221 17.79 15.87 1.99
N LYS A 222 17.25 15.53 0.81
CA LYS A 222 16.67 16.53 -0.11
C LYS A 222 15.43 17.19 0.49
N MET A 223 14.63 16.45 1.23
CA MET A 223 13.45 17.01 1.90
C MET A 223 13.83 18.13 2.85
N ARG A 224 14.96 17.94 3.56
CA ARG A 224 15.42 18.98 4.51
C ARG A 224 16.25 20.04 3.80
N TYR A 225 17.13 19.64 2.87
CA TYR A 225 18.15 20.50 2.20
C TYR A 225 17.88 20.48 0.71
N ASN A 226 17.06 21.44 0.24
CA ASN A 226 16.61 21.40 -1.17
C ASN A 226 17.83 21.52 -2.10
N GLN A 227 17.93 20.65 -3.08
CA GLN A 227 19.06 20.61 -4.03
C GLN A 227 19.04 21.82 -4.98
N ASN A 228 17.95 22.54 -5.06
CA ASN A 228 17.82 23.74 -5.93
C ASN A 228 17.78 24.97 -5.05
N VAL A 229 18.85 25.76 -5.00
CA VAL A 229 18.96 26.91 -4.06
C VAL A 229 17.78 27.88 -4.27
N SER A 230 17.22 27.99 -5.47
CA SER A 230 16.06 28.87 -5.73
C SER A 230 14.83 28.38 -4.94
N ASN A 231 14.80 27.10 -4.55
CA ASN A 231 13.59 26.49 -3.90
C ASN A 231 13.87 26.26 -2.42
N ILE A 232 14.85 26.95 -1.82
CA ILE A 232 15.25 26.75 -0.40
CA ILE A 232 15.26 26.73 -0.40
C ILE A 232 14.07 26.97 0.53
N TRP A 233 13.09 27.79 0.15
CA TRP A 233 11.93 28.00 1.03
C TRP A 233 11.18 26.67 1.19
N HIS A 234 11.19 25.82 0.17
CA HIS A 234 10.40 24.56 0.19
C HIS A 234 11.24 23.42 0.79
N GLN A 235 11.25 23.36 2.12
CA GLN A 235 12.00 22.36 2.91
C GLN A 235 11.07 21.91 4.05
N TYR A 236 11.13 20.63 4.39
CA TYR A 236 10.12 20.01 5.28
C TYR A 236 10.18 20.49 6.74
N ALA A 237 11.36 20.78 7.23
CA ALA A 237 11.60 21.11 8.66
C ALA A 237 12.76 22.07 8.76
N THR A 238 12.96 22.62 9.95
CA THR A 238 14.01 23.64 10.21
C THR A 238 15.14 23.09 11.10
N THR A 239 14.99 22.03 11.89
CA THR A 239 16.16 21.56 12.69
C THR A 239 17.27 21.10 11.74
N PRO A 240 18.53 21.44 11.98
CA PRO A 240 19.61 20.95 11.12
C PRO A 240 19.70 19.41 11.02
N TRP A 241 19.35 18.73 12.10
CA TRP A 241 19.49 17.27 12.28
C TRP A 241 18.24 16.54 11.80
N TYR A 242 17.26 17.20 11.15
CA TYR A 242 15.98 16.52 10.87
C TYR A 242 16.15 15.22 10.05
N ALA A 243 16.92 15.25 8.94
CA ALA A 243 17.00 14.07 8.06
C ALA A 243 17.79 12.97 8.80
N SER A 244 18.85 13.36 9.52
CA SER A 244 19.67 12.43 10.33
C SER A 244 18.78 11.73 11.35
N SER A 245 17.90 12.46 12.05
CA SER A 245 17.01 11.85 13.08
C SER A 245 16.08 10.80 12.45
N ILE A 246 15.46 11.12 11.33
CA ILE A 246 14.58 10.13 10.66
C ILE A 246 15.38 8.93 10.16
N ALA A 247 16.55 9.12 9.57
CA ALA A 247 17.39 8.03 9.07
C ALA A 247 17.77 7.10 10.22
N ASP A 248 18.03 7.65 11.42
CA ASP A 248 18.39 6.82 12.58
C ASP A 248 17.20 5.93 12.97
N ILE A 249 16.00 6.43 12.84
CA ILE A 249 14.81 5.59 13.16
C ILE A 249 14.71 4.50 12.09
N MET A 250 14.86 4.87 10.82
CA MET A 250 14.77 3.89 9.70
C MET A 250 15.74 2.73 9.94
N ARG A 251 16.94 3.00 10.39
CA ARG A 251 17.96 1.95 10.64
C ARG A 251 17.39 0.87 11.57
N SER A 252 16.53 1.21 12.57
CA SER A 252 15.85 0.31 13.53
C SER A 252 14.96 -0.73 12.82
N TYR A 253 14.47 -0.36 11.65
CA TYR A 253 13.43 -1.10 10.92
C TYR A 253 14.02 -1.67 9.63
N GLN A 254 15.29 -1.46 9.30
CA GLN A 254 15.80 -1.73 7.93
C GLN A 254 15.80 -3.24 7.60
N ASP A 255 15.80 -4.13 8.58
CA ASP A 255 15.81 -5.59 8.34
C ASP A 255 14.45 -6.05 7.81
N LEU A 256 13.42 -5.20 7.86
CA LEU A 256 12.05 -5.67 7.50
C LEU A 256 11.80 -5.66 5.99
N TYR A 257 12.69 -5.11 5.17
CA TYR A 257 12.49 -5.16 3.71
C TYR A 257 12.47 -6.63 3.27
N LEU A 258 11.73 -6.96 2.22
CA LEU A 258 11.74 -8.33 1.63
C LEU A 258 12.68 -8.46 0.44
N GLU A 259 13.19 -7.40 -0.16
CA GLU A 259 14.09 -7.52 -1.34
CA GLU A 259 14.08 -7.51 -1.36
C GLU A 259 15.27 -6.56 -1.14
N ASN A 260 16.27 -6.63 -2.03
CA ASN A 260 17.51 -5.82 -1.97
C ASN A 260 17.53 -4.85 -3.15
N ASN A 261 16.44 -4.12 -3.36
CA ASN A 261 16.35 -3.07 -4.41
C ASN A 261 16.46 -1.70 -3.73
N PHE A 262 17.68 -1.22 -3.53
CA PHE A 262 17.96 0.10 -2.92
C PHE A 262 18.78 0.91 -3.91
N THR A 263 18.39 2.17 -4.04
CA THR A 263 19.09 3.16 -4.87
C THR A 263 19.31 4.37 -4.00
N PHE A 264 20.46 4.98 -4.16
CA PHE A 264 20.88 6.14 -3.35
C PHE A 264 21.20 7.31 -4.25
N ASP A 265 21.04 8.52 -3.72
CA ASP A 265 21.33 9.78 -4.43
C ASP A 265 22.05 10.65 -3.42
N VAL A 266 23.31 10.99 -3.68
CA VAL A 266 24.14 11.71 -2.68
C VAL A 266 24.37 13.14 -3.15
N PRO A 267 24.24 14.15 -2.26
CA PRO A 267 24.55 15.53 -2.63
C PRO A 267 26.05 15.72 -2.91
N VAL A 268 26.33 16.55 -3.89
CA VAL A 268 27.72 17.06 -4.11
C VAL A 268 27.68 18.59 -4.22
N PHE A 269 28.72 19.24 -3.70
CA PHE A 269 28.88 20.71 -3.65
C PHE A 269 30.02 21.12 -4.59
N ALA A 270 29.99 22.37 -5.00
CA ALA A 270 30.99 22.96 -5.94
C ALA A 270 32.34 23.12 -5.24
N GLY A 271 32.37 23.20 -3.93
CA GLY A 271 33.62 23.44 -3.17
C GLY A 271 33.37 23.52 -1.69
N ASP B 14 -24.07 -24.28 9.22
CA ASP B 14 -24.43 -23.65 7.92
C ASP B 14 -24.34 -22.12 8.10
N ILE B 15 -25.14 -21.33 7.37
CA ILE B 15 -24.87 -19.88 7.09
C ILE B 15 -25.62 -18.96 8.06
N GLY B 16 -26.61 -19.47 8.81
CA GLY B 16 -27.50 -18.67 9.67
C GLY B 16 -26.80 -18.09 10.88
N ASN B 17 -25.63 -18.62 11.27
CA ASN B 17 -24.94 -18.35 12.56
C ASN B 17 -23.63 -17.55 12.35
N ALA B 18 -23.26 -17.25 11.10
CA ALA B 18 -22.05 -16.47 10.74
C ALA B 18 -22.26 -14.98 11.02
N SER B 19 -21.18 -14.18 11.03
CA SER B 19 -21.21 -12.69 10.95
C SER B 19 -21.91 -12.30 9.65
N LYS B 20 -22.52 -11.10 9.62
CA LYS B 20 -23.48 -10.69 8.55
C LYS B 20 -23.02 -9.36 7.98
N THR B 21 -22.83 -9.29 6.66
CA THR B 21 -22.47 -8.03 5.96
C THR B 21 -23.68 -7.62 5.12
N ASN B 22 -24.27 -6.44 5.35
CA ASN B 22 -25.42 -5.94 4.56
C ASN B 22 -24.96 -5.52 3.15
N TYR B 23 -25.50 -6.11 2.09
CA TYR B 23 -25.17 -5.75 0.68
C TYR B 23 -26.05 -4.58 0.19
N GLY B 24 -27.15 -4.28 0.87
CA GLY B 24 -27.86 -3.00 0.66
C GLY B 24 -28.76 -2.95 -0.57
N VAL B 25 -28.89 -4.04 -1.30
CA VAL B 25 -29.80 -4.20 -2.46
C VAL B 25 -30.41 -5.59 -2.39
N SER B 26 -31.44 -5.83 -3.17
CA SER B 26 -32.05 -7.18 -3.26
C SER B 26 -31.11 -8.12 -3.99
N LEU B 27 -31.30 -9.41 -3.78
CA LEU B 27 -30.52 -10.46 -4.49
C LEU B 27 -30.72 -10.29 -6.01
N ASN B 28 -31.96 -10.08 -6.45
CA ASN B 28 -32.28 -9.85 -7.87
C ASN B 28 -31.54 -8.62 -8.41
N GLU B 29 -31.56 -7.53 -7.67
CA GLU B 29 -30.90 -6.27 -8.12
C GLU B 29 -29.39 -6.53 -8.21
N TYR B 30 -28.84 -7.25 -7.24
CA TYR B 30 -27.36 -7.43 -7.22
C TYR B 30 -26.95 -8.29 -8.42
N ILE B 31 -27.71 -9.35 -8.71
CA ILE B 31 -27.42 -10.22 -9.88
C ILE B 31 -27.43 -9.36 -11.15
N LYS B 32 -28.44 -8.50 -11.32
CA LYS B 32 -28.55 -7.67 -12.53
C LYS B 32 -27.36 -6.72 -12.62
N LEU B 33 -26.94 -6.15 -11.47
CA LEU B 33 -25.75 -5.25 -11.41
C LEU B 33 -24.52 -6.03 -11.87
N GLN B 34 -24.33 -7.25 -11.37
CA GLN B 34 -23.16 -8.05 -11.73
C GLN B 34 -23.23 -8.32 -13.23
N GLN B 35 -24.41 -8.66 -13.76
CA GLN B 35 -24.52 -9.07 -15.19
C GLN B 35 -24.13 -7.90 -16.11
N ARG B 36 -24.58 -6.69 -15.79
CA ARG B 36 -24.39 -5.48 -16.63
C ARG B 36 -22.94 -4.99 -16.50
N ASN B 37 -22.29 -5.22 -15.37
CA ASN B 37 -20.97 -4.62 -15.11
C ASN B 37 -19.86 -5.56 -15.58
N ASN B 38 -20.13 -6.87 -15.62
CA ASN B 38 -19.17 -7.90 -16.07
C ASN B 38 -18.67 -7.49 -17.46
N PRO B 39 -17.35 -7.50 -17.72
CA PRO B 39 -16.89 -7.26 -19.09
C PRO B 39 -17.26 -8.37 -20.06
N SER B 40 -17.54 -9.57 -19.55
CA SER B 40 -18.00 -10.74 -20.31
C SER B 40 -19.49 -10.94 -20.07
N ASN B 41 -20.07 -11.88 -20.81
CA ASN B 41 -21.52 -12.16 -20.83
C ASN B 41 -21.78 -13.52 -20.18
N TYR B 42 -22.50 -13.56 -19.04
CA TYR B 42 -22.95 -14.79 -18.33
C TYR B 42 -24.44 -14.61 -18.04
N SER B 43 -25.15 -15.72 -17.89
CA SER B 43 -26.62 -15.76 -17.77
C SER B 43 -27.03 -15.43 -16.33
N TYR B 44 -28.29 -15.01 -16.17
CA TYR B 44 -28.92 -14.81 -14.86
C TYR B 44 -28.75 -16.06 -13.99
N SER B 45 -29.08 -17.23 -14.54
CA SER B 45 -29.07 -18.53 -13.84
CA SER B 45 -29.08 -18.49 -13.77
C SER B 45 -27.66 -18.78 -13.28
N GLU B 46 -26.65 -18.52 -14.10
CA GLU B 46 -25.26 -18.80 -13.73
C GLU B 46 -24.86 -17.86 -12.56
N PHE B 47 -25.17 -16.58 -12.67
CA PHE B 47 -24.88 -15.63 -11.55
C PHE B 47 -25.69 -16.01 -10.31
N GLU B 48 -26.98 -16.30 -10.47
CA GLU B 48 -27.86 -16.48 -9.28
C GLU B 48 -27.31 -17.63 -8.39
N LYS B 49 -26.88 -18.74 -8.96
CA LYS B 49 -26.57 -19.92 -8.13
C LYS B 49 -25.26 -19.70 -7.35
N TYR B 50 -24.39 -18.80 -7.81
CA TYR B 50 -23.10 -18.50 -7.12
C TYR B 50 -23.26 -17.29 -6.19
N ILE B 51 -24.19 -16.37 -6.47
CA ILE B 51 -24.36 -15.18 -5.62
C ILE B 51 -25.24 -15.51 -4.45
N ASN B 52 -26.28 -16.35 -4.66
CA ASN B 52 -27.26 -16.65 -3.58
C ASN B 52 -26.60 -17.50 -2.50
N PRO B 53 -26.39 -16.97 -1.27
CA PRO B 53 -25.69 -17.73 -0.24
C PRO B 53 -26.45 -18.98 0.21
N ALA B 54 -27.77 -19.00 -0.03
CA ALA B 54 -28.61 -20.18 0.31
C ALA B 54 -28.22 -21.38 -0.56
N LYS B 55 -27.49 -21.21 -1.66
CA LYS B 55 -27.14 -22.29 -2.61
C LYS B 55 -25.68 -22.70 -2.42
N ALA B 56 -24.95 -22.04 -1.52
CA ALA B 56 -23.59 -22.44 -1.17
C ALA B 56 -23.58 -23.84 -0.51
N THR B 57 -22.72 -24.72 -0.98
CA THR B 57 -22.49 -26.06 -0.40
C THR B 57 -21.09 -26.08 0.21
N ASN B 58 -20.38 -24.93 0.22
CA ASN B 58 -19.04 -24.85 0.81
C ASN B 58 -18.96 -23.55 1.60
N LYS B 59 -18.80 -23.58 2.91
CA LYS B 59 -18.75 -22.34 3.74
CA LYS B 59 -18.75 -22.36 3.76
C LYS B 59 -17.40 -21.63 3.61
N LEU B 60 -16.39 -22.27 3.04
CA LEU B 60 -15.04 -21.65 3.06
C LEU B 60 -15.01 -20.38 2.21
N GLN B 61 -15.97 -20.18 1.32
CA GLN B 61 -15.95 -18.92 0.51
C GLN B 61 -16.32 -17.73 1.43
N PHE B 62 -16.87 -17.99 2.63
CA PHE B 62 -17.26 -16.97 3.61
C PHE B 62 -16.24 -16.89 4.74
N LEU B 63 -15.17 -17.66 4.68
CA LEU B 63 -14.14 -17.62 5.74
C LEU B 63 -13.43 -16.26 5.73
N ARG B 64 -13.25 -15.63 6.87
CA ARG B 64 -12.42 -14.43 6.96
C ARG B 64 -10.96 -14.83 6.72
N ILE B 65 -10.35 -14.32 5.67
CA ILE B 65 -8.94 -14.71 5.28
C ILE B 65 -7.91 -13.62 5.61
N ASP B 66 -8.32 -12.52 6.25
CA ASP B 66 -7.46 -11.38 6.69
C ASP B 66 -6.80 -11.70 8.02
N LYS B 67 -6.35 -12.93 8.20
CA LYS B 67 -5.45 -13.29 9.34
C LYS B 67 -4.61 -14.49 8.93
N PHE B 68 -3.38 -14.54 9.43
CA PHE B 68 -2.57 -15.76 9.33
C PHE B 68 -3.19 -16.81 10.26
N ARG B 69 -3.30 -18.03 9.75
CA ARG B 69 -3.72 -19.22 10.53
C ARG B 69 -2.61 -20.25 10.46
N SER B 70 -2.29 -20.83 11.59
CA SER B 70 -1.23 -21.82 11.72
CA SER B 70 -1.23 -21.84 11.72
C SER B 70 -1.61 -23.11 10.97
N VAL B 71 -0.68 -23.66 10.20
CA VAL B 71 -0.84 -24.91 9.43
C VAL B 71 0.38 -25.79 9.66
N ASN B 72 0.14 -27.07 9.47
CA ASN B 72 1.22 -28.07 9.49
C ASN B 72 2.03 -27.90 8.22
N VAL B 73 3.21 -27.30 8.31
CA VAL B 73 4.02 -26.94 7.12
C VAL B 73 4.45 -28.23 6.44
N SER B 74 4.92 -29.21 7.21
CA SER B 74 5.40 -30.49 6.66
C SER B 74 4.27 -31.19 5.92
N GLY B 75 3.08 -31.17 6.49
CA GLY B 75 1.92 -31.78 5.84
C GLY B 75 1.60 -31.06 4.51
N LEU B 76 1.68 -29.75 4.51
CA LEU B 76 1.40 -28.95 3.30
C LEU B 76 2.45 -29.31 2.22
N SER B 77 3.71 -29.37 2.61
CA SER B 77 4.84 -29.72 1.70
C SER B 77 4.54 -31.08 1.07
N SER B 78 4.12 -32.06 1.87
CA SER B 78 3.81 -33.41 1.35
CA SER B 78 3.77 -33.42 1.37
C SER B 78 2.64 -33.31 0.35
N ARG B 79 1.60 -32.54 0.66
CA ARG B 79 0.39 -32.39 -0.22
C ARG B 79 0.80 -31.69 -1.53
N LEU B 80 1.81 -30.82 -1.54
CA LEU B 80 2.23 -30.03 -2.74
C LEU B 80 3.35 -30.72 -3.56
N SER B 81 3.91 -31.82 -3.08
CA SER B 81 5.14 -32.41 -3.67
C SER B 81 4.88 -32.78 -5.13
N ASN B 82 3.63 -33.10 -5.51
CA ASN B 82 3.33 -33.47 -6.92
C ASN B 82 2.56 -32.36 -7.66
N LYS B 83 2.40 -31.15 -7.11
CA LYS B 83 1.52 -30.12 -7.71
C LYS B 83 2.33 -29.19 -8.61
N GLY B 84 2.95 -29.76 -9.65
CA GLY B 84 3.71 -28.93 -10.60
C GLY B 84 4.70 -28.01 -9.90
N VAL B 85 4.72 -26.74 -10.30
CA VAL B 85 5.73 -25.74 -9.86
C VAL B 85 5.57 -25.45 -8.37
N LEU B 86 4.49 -25.90 -7.72
CA LEU B 86 4.37 -25.63 -6.27
C LEU B 86 5.21 -26.63 -5.47
N THR B 87 5.81 -27.64 -6.10
CA THR B 87 6.68 -28.62 -5.40
C THR B 87 7.82 -27.89 -4.70
N GLY B 88 8.03 -28.22 -3.43
CA GLY B 88 9.11 -27.64 -2.63
C GLY B 88 8.80 -26.23 -2.16
N GLN B 89 7.58 -25.70 -2.38
CA GLN B 89 7.26 -24.30 -2.01
C GLN B 89 6.35 -24.19 -0.79
N GLY B 90 6.08 -25.27 -0.07
CA GLY B 90 5.24 -25.16 1.15
C GLY B 90 5.75 -24.10 2.13
N GLN B 91 7.03 -24.10 2.44
CA GLN B 91 7.62 -23.12 3.36
C GLN B 91 7.42 -21.72 2.79
N ALA B 92 7.71 -21.53 1.52
CA ALA B 92 7.60 -20.24 0.85
C ALA B 92 6.17 -19.71 0.97
N PHE B 93 5.18 -20.56 0.76
CA PHE B 93 3.76 -20.13 0.86
C PHE B 93 3.45 -19.70 2.29
N VAL B 94 3.83 -20.55 3.25
CA VAL B 94 3.52 -20.19 4.67
C VAL B 94 4.26 -18.92 5.09
N ASN B 95 5.52 -18.79 4.73
CA ASN B 95 6.31 -17.56 5.03
C ASN B 95 5.66 -16.31 4.44
N ALA B 96 5.13 -16.40 3.23
CA ALA B 96 4.53 -15.24 2.54
C ALA B 96 3.21 -14.95 3.26
N ALA B 97 2.43 -15.98 3.56
CA ALA B 97 1.15 -15.80 4.26
C ALA B 97 1.40 -15.14 5.60
N LYS B 98 2.42 -15.56 6.34
CA LYS B 98 2.72 -14.99 7.66
C LYS B 98 3.12 -13.52 7.52
N ALA B 99 3.99 -13.24 6.58
CA ALA B 99 4.51 -11.86 6.37
C ALA B 99 3.33 -10.91 6.09
N PHE B 100 2.30 -11.35 5.36
CA PHE B 100 1.14 -10.53 4.94
C PHE B 100 -0.06 -10.78 5.86
N ASN B 101 0.05 -11.59 6.91
CA ASN B 101 -1.08 -11.81 7.83
C ASN B 101 -2.33 -12.25 7.06
N ILE B 102 -2.19 -13.20 6.13
CA ILE B 102 -3.34 -13.78 5.41
C ILE B 102 -3.33 -15.29 5.58
N ASP B 103 -4.45 -15.92 5.28
CA ASP B 103 -4.60 -17.36 5.54
C ASP B 103 -3.81 -18.13 4.50
N PRO B 104 -2.89 -19.02 4.94
CA PRO B 104 -2.03 -19.72 3.96
C PRO B 104 -2.77 -20.79 3.12
N ILE B 105 -3.84 -21.39 3.62
CA ILE B 105 -4.63 -22.38 2.83
C ILE B 105 -5.32 -21.60 1.70
N TYR B 106 -5.86 -20.42 2.01
CA TYR B 106 -6.39 -19.47 1.00
C TYR B 106 -5.32 -19.22 -0.07
N LEU B 107 -4.12 -18.84 0.34
CA LEU B 107 -3.08 -18.40 -0.61
C LEU B 107 -2.70 -19.54 -1.52
N VAL B 108 -2.46 -20.71 -0.94
CA VAL B 108 -2.16 -21.92 -1.73
C VAL B 108 -3.31 -22.22 -2.69
N ALA B 109 -4.54 -22.20 -2.20
CA ALA B 109 -5.70 -22.63 -3.04
C ALA B 109 -5.89 -21.65 -4.20
N GLN B 110 -5.63 -20.40 -3.97
CA GLN B 110 -5.84 -19.38 -5.04
C GLN B 110 -4.75 -19.58 -6.11
N CYS B 111 -3.54 -19.89 -5.69
CA CYS B 111 -2.46 -20.33 -6.65
C CYS B 111 -2.89 -21.55 -7.44
N LEU B 112 -3.32 -22.63 -6.78
CA LEU B 112 -3.68 -23.88 -7.47
C LEU B 112 -4.74 -23.55 -8.52
N HIS B 113 -5.76 -22.77 -8.16
CA HIS B 113 -6.85 -22.43 -9.12
C HIS B 113 -6.31 -21.68 -10.36
N GLU B 114 -5.44 -20.73 -10.13
CA GLU B 114 -5.00 -19.82 -11.20
C GLU B 114 -4.05 -20.58 -12.11
N THR B 115 -3.42 -21.62 -11.62
CA THR B 115 -2.31 -22.28 -12.39
C THR B 115 -2.66 -23.70 -12.86
N GLY B 116 -3.89 -24.18 -12.69
CA GLY B 116 -4.23 -25.56 -13.04
C GLY B 116 -3.39 -26.55 -12.25
N ASN B 117 -3.36 -26.38 -10.94
CA ASN B 117 -2.54 -27.20 -10.01
C ASN B 117 -1.06 -27.15 -10.39
N GLY B 118 -0.55 -25.97 -10.71
CA GLY B 118 0.89 -25.70 -10.86
C GLY B 118 1.38 -26.11 -12.23
N THR B 119 0.51 -26.23 -13.22
CA THR B 119 0.88 -26.85 -14.54
C THR B 119 0.87 -25.83 -15.66
N SER B 120 0.35 -24.63 -15.46
CA SER B 120 0.22 -23.62 -16.54
C SER B 120 1.62 -23.17 -17.02
N LYS B 121 1.71 -22.72 -18.27
CA LYS B 121 2.99 -22.22 -18.85
C LYS B 121 3.52 -21.05 -18.03
N LEU B 122 2.63 -20.15 -17.61
CA LEU B 122 3.01 -18.95 -16.81
C LEU B 122 3.62 -19.40 -15.49
N ALA B 123 3.03 -20.39 -14.84
CA ALA B 123 3.48 -20.90 -13.54
C ALA B 123 4.85 -21.57 -13.73
N LYS B 124 5.05 -22.37 -14.78
CA LYS B 124 6.28 -23.21 -14.85
C LYS B 124 7.48 -22.38 -15.27
N GLY B 125 7.24 -21.19 -15.79
CA GLY B 125 8.34 -20.24 -16.10
C GLY B 125 8.58 -20.21 -17.59
N VAL B 126 8.66 -19.01 -18.14
CA VAL B 126 8.92 -18.82 -19.61
C VAL B 126 10.16 -17.98 -19.71
N THR B 127 11.07 -18.36 -20.62
CA THR B 127 12.25 -17.54 -20.93
C THR B 127 11.81 -16.57 -22.04
N ILE B 128 11.80 -15.29 -21.70
CA ILE B 128 11.28 -14.23 -22.60
C ILE B 128 12.46 -13.36 -23.01
N THR B 129 12.33 -12.79 -24.20
CA THR B 129 13.35 -11.88 -24.79
C THR B 129 12.70 -10.54 -25.13
N GLU B 130 11.42 -10.36 -24.79
CA GLU B 130 10.66 -9.12 -25.08
C GLU B 130 9.44 -9.10 -24.16
N ILE B 131 8.94 -7.91 -23.90
CA ILE B 131 7.72 -7.67 -23.08
C ILE B 131 6.77 -6.84 -23.92
N ALA B 132 5.48 -6.88 -23.58
CA ALA B 132 4.48 -6.01 -24.24
C ALA B 132 4.46 -4.62 -23.61
N ASP B 133 4.17 -3.62 -24.45
CA ASP B 133 3.68 -2.31 -23.99
C ASP B 133 2.16 -2.35 -24.20
N GLU B 134 1.43 -2.68 -23.14
CA GLU B 134 -0.03 -2.91 -23.25
C GLU B 134 -0.74 -1.62 -23.71
N SER B 135 -0.12 -0.44 -23.55
CA SER B 135 -0.67 0.86 -24.00
C SER B 135 -0.62 1.00 -25.54
N LYS B 136 0.00 0.03 -26.22
CA LYS B 136 0.27 0.10 -27.70
C LYS B 136 -0.29 -1.14 -28.38
N PRO B 137 -1.62 -1.34 -28.32
CA PRO B 137 -2.26 -2.51 -28.92
C PRO B 137 -2.20 -2.45 -30.45
N ILE B 138 -2.24 -3.64 -31.08
CA ILE B 138 -2.23 -3.84 -32.55
C ILE B 138 -3.53 -4.57 -32.90
N TYR B 139 -4.24 -4.09 -33.93
CA TYR B 139 -5.54 -4.64 -34.41
C TYR B 139 -5.40 -5.19 -35.84
N ASN B 140 -6.20 -6.19 -36.20
CA ASN B 140 -6.31 -6.73 -37.58
C ASN B 140 -7.40 -5.95 -38.35
N GLY B 141 -7.55 -6.23 -39.64
CA GLY B 141 -8.59 -5.65 -40.52
C GLY B 141 -10.01 -5.81 -39.98
N ASN B 142 -10.27 -6.86 -39.18
CA ASN B 142 -11.59 -7.13 -38.53
C ASN B 142 -11.78 -6.26 -37.29
N GLY B 143 -10.75 -5.50 -36.89
CA GLY B 143 -10.77 -4.63 -35.70
C GLY B 143 -10.61 -5.40 -34.41
N GLN B 144 -10.10 -6.64 -34.47
CA GLN B 144 -9.80 -7.48 -33.27
C GLN B 144 -8.38 -7.21 -32.81
N LEU B 145 -8.16 -7.25 -31.50
CA LEU B 145 -6.81 -7.16 -30.88
C LEU B 145 -6.04 -8.44 -31.22
N VAL B 146 -4.87 -8.28 -31.83
CA VAL B 146 -4.00 -9.45 -32.17
C VAL B 146 -2.62 -9.31 -31.54
N GLY B 147 -2.28 -8.18 -30.92
CA GLY B 147 -0.88 -8.00 -30.49
C GLY B 147 -0.63 -6.68 -29.79
N TYR B 148 0.60 -6.48 -29.33
CA TYR B 148 1.09 -5.22 -28.73
C TYR B 148 2.46 -4.93 -29.29
N HIS B 149 2.81 -3.64 -29.34
CA HIS B 149 4.21 -3.18 -29.46
C HIS B 149 5.05 -3.98 -28.47
N MET B 150 6.12 -4.63 -28.93
CA MET B 150 6.99 -5.46 -28.07
C MET B 150 8.32 -4.71 -27.84
N ILE B 151 8.70 -4.59 -26.57
CA ILE B 151 9.99 -3.99 -26.12
C ILE B 151 11.04 -5.10 -25.99
N LYS B 152 12.17 -5.02 -26.69
CA LYS B 152 13.22 -6.08 -26.64
C LYS B 152 14.06 -5.92 -25.38
N LEU B 153 14.31 -7.02 -24.65
CA LEU B 153 15.20 -7.08 -23.46
C LEU B 153 16.65 -7.24 -23.92
N SER B 154 17.61 -6.79 -23.12
CA SER B 154 19.07 -6.95 -23.37
C SER B 154 19.44 -8.44 -23.40
N LYS B 155 18.97 -9.20 -22.40
CA LYS B 155 19.28 -10.65 -22.26
C LYS B 155 17.96 -11.40 -22.05
N PRO B 156 17.84 -12.66 -22.52
CA PRO B 156 16.68 -13.50 -22.19
C PRO B 156 16.61 -13.69 -20.67
N VAL B 157 15.39 -13.68 -20.10
CA VAL B 157 15.18 -13.79 -18.64
C VAL B 157 14.02 -14.75 -18.41
N THR B 158 14.18 -15.67 -17.48
CA THR B 158 13.06 -16.56 -17.08
C THR B 158 12.23 -15.85 -16.00
N VAL B 159 10.92 -15.83 -16.22
CA VAL B 159 10.00 -15.17 -15.26
C VAL B 159 8.90 -16.17 -14.89
N TYR B 160 8.28 -15.93 -13.74
CA TYR B 160 7.27 -16.83 -13.14
C TYR B 160 6.08 -15.97 -12.74
N ASN B 161 4.88 -16.50 -12.97
CA ASN B 161 3.67 -15.83 -12.47
C ASN B 161 2.77 -16.95 -11.98
N LEU B 162 2.55 -17.04 -10.67
CA LEU B 162 1.83 -18.20 -10.08
C LEU B 162 0.38 -17.84 -9.72
N PHE B 163 -0.10 -16.66 -10.12
CA PHE B 163 -1.44 -16.20 -9.69
C PHE B 163 -2.19 -15.58 -10.89
N GLY B 164 -1.66 -15.74 -12.09
CA GLY B 164 -2.28 -15.12 -13.28
C GLY B 164 -2.42 -13.60 -13.19
N ILE B 165 -1.62 -12.92 -12.41
CA ILE B 165 -1.72 -11.45 -12.20
C ILE B 165 -1.25 -10.70 -13.46
N GLY B 166 -2.08 -9.79 -13.96
CA GLY B 166 -1.79 -8.99 -15.16
C GLY B 166 -2.18 -9.70 -16.45
N ALA B 167 -2.45 -11.01 -16.42
CA ALA B 167 -2.89 -11.79 -17.59
C ALA B 167 -4.32 -11.34 -17.90
N LYS B 168 -4.69 -11.38 -19.18
CA LYS B 168 -6.09 -11.13 -19.60
C LYS B 168 -6.46 -12.19 -20.64
N ASP B 169 -7.76 -12.43 -20.79
CA ASP B 169 -8.34 -13.56 -21.56
C ASP B 169 -7.71 -13.68 -22.95
N ASN B 170 -7.41 -14.90 -23.36
CA ASN B 170 -7.10 -15.24 -24.78
C ASN B 170 -8.37 -15.12 -25.61
N SER B 171 -8.20 -14.82 -26.89
CA SER B 171 -9.23 -14.87 -27.95
C SER B 171 -8.76 -15.91 -28.96
N SER B 172 -9.66 -16.43 -29.80
CA SER B 172 -9.32 -17.30 -30.96
C SER B 172 -8.27 -16.63 -31.86
N VAL B 173 -8.29 -15.29 -31.99
CA VAL B 173 -7.36 -14.53 -32.89
C VAL B 173 -6.12 -14.04 -32.12
N PHE B 174 -6.19 -13.93 -30.78
CA PHE B 174 -5.01 -13.63 -29.91
C PHE B 174 -4.84 -14.76 -28.88
N PRO B 175 -4.29 -15.91 -29.30
CA PRO B 175 -4.35 -17.13 -28.48
C PRO B 175 -3.36 -17.14 -27.30
N ASN B 176 -2.34 -16.29 -27.32
CA ASN B 176 -1.27 -16.26 -26.29
C ASN B 176 -1.26 -14.93 -25.56
N ARG B 177 -2.39 -14.22 -25.54
CA ARG B 177 -2.45 -12.90 -24.85
C ARG B 177 -2.14 -13.04 -23.36
N ALA B 178 -2.75 -14.02 -22.69
CA ALA B 178 -2.57 -14.21 -21.23
C ALA B 178 -1.09 -14.48 -20.95
N LEU B 179 -0.43 -15.27 -21.79
CA LEU B 179 1.03 -15.53 -21.63
C LEU B 179 1.83 -14.24 -21.84
N ILE B 180 1.56 -13.48 -22.91
CA ILE B 180 2.34 -12.23 -23.16
C ILE B 180 2.16 -11.26 -22.00
N LEU B 181 0.92 -11.04 -21.54
CA LEU B 181 0.69 -10.04 -20.48
C LEU B 181 1.15 -10.54 -19.11
N GLY B 182 0.99 -11.82 -18.84
CA GLY B 182 1.43 -12.40 -17.55
C GLY B 182 2.93 -12.42 -17.40
N THR B 183 3.67 -12.74 -18.48
CA THR B 183 5.14 -12.69 -18.41
C THR B 183 5.61 -11.24 -18.33
N THR B 184 4.92 -10.33 -19.02
CA THR B 184 5.26 -8.91 -18.96
C THR B 184 5.07 -8.40 -17.52
N TYR B 185 3.95 -8.76 -16.91
CA TYR B 185 3.66 -8.32 -15.52
C TYR B 185 4.77 -8.82 -14.59
N ALA B 186 5.14 -10.09 -14.73
CA ALA B 186 6.13 -10.75 -13.85
C ALA B 186 7.47 -10.03 -14.02
N TYR B 187 7.84 -9.80 -15.28
CA TYR B 187 9.15 -9.16 -15.58
C TYR B 187 9.21 -7.78 -14.92
N ASN B 188 8.13 -6.98 -15.08
CA ASN B 188 8.04 -5.61 -14.55
C ASN B 188 8.13 -5.60 -13.02
N ARG B 189 7.77 -6.67 -12.31
CA ARG B 189 7.85 -6.73 -10.82
C ARG B 189 9.05 -7.58 -10.34
N GLY B 190 9.91 -8.07 -11.24
CA GLY B 190 11.12 -8.82 -10.88
C GLY B 190 10.78 -10.21 -10.35
N TRP B 191 9.73 -10.85 -10.87
CA TRP B 191 9.36 -12.24 -10.52
C TRP B 191 10.23 -13.19 -11.35
N THR B 192 11.53 -13.21 -11.02
CA THR B 192 12.55 -14.03 -11.72
C THR B 192 12.83 -15.33 -10.95
N SER B 193 12.08 -15.58 -9.88
CA SER B 193 12.11 -16.83 -9.10
C SER B 193 10.68 -17.17 -8.68
N ILE B 194 10.42 -18.44 -8.46
CA ILE B 194 9.13 -18.90 -7.87
C ILE B 194 8.91 -18.18 -6.53
N GLU B 195 9.92 -18.11 -5.65
CA GLU B 195 9.74 -17.44 -4.33
C GLU B 195 9.30 -16.00 -4.54
N ASN B 196 9.88 -15.27 -5.52
CA ASN B 196 9.53 -13.85 -5.71
C ASN B 196 8.09 -13.76 -6.23
N ALA B 197 7.67 -14.72 -7.05
CA ALA B 197 6.29 -14.72 -7.59
C ALA B 197 5.28 -14.93 -6.44
N ILE B 198 5.62 -15.78 -5.47
CA ILE B 198 4.70 -16.09 -4.33
C ILE B 198 4.59 -14.87 -3.43
N LYS B 199 5.72 -14.27 -3.06
CA LYS B 199 5.66 -13.08 -2.20
C LYS B 199 4.95 -11.96 -2.95
N GLY B 200 5.21 -11.78 -4.26
CA GLY B 200 4.54 -10.75 -5.06
C GLY B 200 3.04 -10.97 -5.04
N ALA B 201 2.57 -12.24 -5.19
CA ALA B 201 1.12 -12.50 -5.25
C ALA B 201 0.48 -12.26 -3.87
N ALA B 202 1.11 -12.67 -2.79
CA ALA B 202 0.60 -12.46 -1.42
C ALA B 202 0.46 -10.95 -1.19
N GLU B 203 1.45 -10.16 -1.59
CA GLU B 203 1.35 -8.68 -1.44
C GLU B 203 0.17 -8.14 -2.26
N PHE B 204 0.02 -8.59 -3.51
CA PHE B 204 -1.07 -8.16 -4.41
C PHE B 204 -2.42 -8.39 -3.75
N VAL B 205 -2.70 -9.65 -3.34
CA VAL B 205 -4.04 -9.93 -2.79
C VAL B 205 -4.22 -9.23 -1.46
N SER B 206 -3.17 -9.10 -0.64
CA SER B 206 -3.36 -8.52 0.70
C SER B 206 -3.61 -7.02 0.58
N LEU B 207 -2.73 -6.29 -0.06
CA LEU B 207 -2.83 -4.80 0.00
C LEU B 207 -4.03 -4.34 -0.83
N ASN B 208 -4.32 -5.02 -1.94
CA ASN B 208 -5.39 -4.54 -2.88
C ASN B 208 -6.77 -5.02 -2.42
N TYR B 209 -6.89 -6.15 -1.71
CA TYR B 209 -8.23 -6.75 -1.41
C TYR B 209 -8.38 -7.01 0.08
N VAL B 210 -7.61 -8.00 0.58
CA VAL B 210 -7.94 -8.68 1.85
C VAL B 210 -7.74 -7.75 3.04
N HIS B 211 -6.67 -6.96 3.00
CA HIS B 211 -6.32 -6.00 4.09
C HIS B 211 -6.48 -4.53 3.68
N SER B 212 -7.11 -4.25 2.55
CA SER B 212 -7.44 -2.85 2.13
C SER B 212 -8.44 -2.25 3.13
N SER B 213 -8.16 -1.13 3.78
CA SER B 213 -9.20 -0.54 4.67
C SER B 213 -10.28 0.12 3.83
N ARG B 214 -10.00 0.43 2.57
CA ARG B 214 -11.02 1.02 1.63
C ARG B 214 -11.96 -0.08 1.15
N TYR B 215 -11.44 -1.24 0.74
CA TYR B 215 -12.27 -2.25 0.04
C TYR B 215 -12.79 -3.31 1.01
N SER B 216 -11.99 -3.70 2.01
CA SER B 216 -12.39 -4.68 3.04
C SER B 216 -12.91 -5.99 2.40
N GLN B 217 -12.20 -6.46 1.38
CA GLN B 217 -12.65 -7.66 0.59
C GLN B 217 -11.96 -8.87 1.20
N ASN B 218 -12.44 -9.25 2.39
CA ASN B 218 -11.68 -10.13 3.30
C ASN B 218 -12.30 -11.53 3.43
N THR B 219 -13.11 -11.92 2.46
CA THR B 219 -13.49 -13.33 2.21
C THR B 219 -13.34 -13.57 0.71
N LEU B 220 -13.30 -14.83 0.27
CA LEU B 220 -13.30 -15.12 -1.20
C LEU B 220 -14.57 -14.52 -1.82
N TYR B 221 -15.71 -14.70 -1.16
CA TYR B 221 -16.97 -14.24 -1.75
C TYR B 221 -16.88 -12.71 -2.00
N LYS B 222 -16.40 -11.96 -1.01
CA LYS B 222 -16.28 -10.48 -1.11
C LYS B 222 -15.25 -10.10 -2.20
N MET B 223 -14.16 -10.84 -2.34
CA MET B 223 -13.17 -10.60 -3.41
C MET B 223 -13.85 -10.65 -4.79
N ARG B 224 -14.77 -11.58 -5.00
CA ARG B 224 -15.50 -11.70 -6.28
C ARG B 224 -16.69 -10.74 -6.35
N TYR B 225 -17.43 -10.66 -5.24
CA TYR B 225 -18.74 -9.97 -5.13
C TYR B 225 -18.63 -8.85 -4.10
N ASN B 226 -18.30 -7.63 -4.58
CA ASN B 226 -17.99 -6.50 -3.67
C ASN B 226 -19.24 -6.17 -2.83
N GLN B 227 -19.12 -6.09 -1.54
CA GLN B 227 -20.24 -5.79 -0.62
C GLN B 227 -20.70 -4.34 -0.81
N ASN B 228 -19.94 -3.53 -1.52
CA ASN B 228 -20.30 -2.11 -1.75
C ASN B 228 -20.61 -1.98 -3.22
N VAL B 229 -21.88 -1.78 -3.61
CA VAL B 229 -22.23 -1.73 -5.04
C VAL B 229 -21.47 -0.61 -5.74
N SER B 230 -21.05 0.43 -5.02
CA SER B 230 -20.34 1.56 -5.65
C SER B 230 -18.93 1.12 -6.06
N ASN B 231 -18.42 0.06 -5.43
CA ASN B 231 -17.07 -0.47 -5.77
C ASN B 231 -17.13 -1.71 -6.66
N ILE B 232 -18.23 -1.95 -7.37
CA ILE B 232 -18.42 -3.17 -8.18
C ILE B 232 -17.30 -3.30 -9.21
N TRP B 233 -16.64 -2.20 -9.63
CA TRP B 233 -15.54 -2.36 -10.61
C TRP B 233 -14.40 -3.14 -9.95
N HIS B 234 -14.24 -2.98 -8.62
CA HIS B 234 -13.08 -3.56 -7.89
C HIS B 234 -13.43 -4.98 -7.42
N GLN B 235 -13.36 -5.92 -8.34
CA GLN B 235 -13.63 -7.36 -8.09
C GLN B 235 -12.46 -8.12 -8.71
N TYR B 236 -12.08 -9.22 -8.08
CA TYR B 236 -10.83 -9.92 -8.42
C TYR B 236 -10.90 -10.64 -9.76
N ALA B 237 -12.06 -11.15 -10.13
CA ALA B 237 -12.19 -12.01 -11.34
C ALA B 237 -13.59 -11.84 -11.89
N THR B 238 -13.82 -12.39 -13.08
CA THR B 238 -15.10 -12.20 -13.84
C THR B 238 -15.91 -13.49 -13.85
N THR B 239 -15.32 -14.68 -13.70
CA THR B 239 -16.15 -15.92 -13.74
C THR B 239 -17.10 -15.92 -12.55
N PRO B 240 -18.40 -16.23 -12.73
CA PRO B 240 -19.32 -16.26 -11.58
C PRO B 240 -18.90 -17.20 -10.43
N TRP B 241 -18.19 -18.26 -10.76
CA TRP B 241 -17.87 -19.38 -9.83
C TRP B 241 -16.50 -19.17 -9.20
N TYR B 242 -15.86 -18.03 -9.38
CA TYR B 242 -14.44 -17.87 -8.96
C TYR B 242 -14.25 -18.25 -7.48
N ALA B 243 -15.04 -17.65 -6.58
CA ALA B 243 -14.90 -17.83 -5.13
C ALA B 243 -15.23 -19.30 -4.78
N SER B 244 -16.28 -19.84 -5.38
CA SER B 244 -16.70 -21.25 -5.18
C SER B 244 -15.56 -22.21 -5.55
N SER B 245 -14.91 -21.99 -6.66
CA SER B 245 -13.86 -22.91 -7.14
C SER B 245 -12.66 -22.92 -6.15
N ILE B 246 -12.28 -21.74 -5.70
CA ILE B 246 -11.14 -21.64 -4.76
C ILE B 246 -11.53 -22.28 -3.42
N ALA B 247 -12.72 -22.01 -2.92
CA ALA B 247 -13.19 -22.62 -1.65
C ALA B 247 -13.19 -24.15 -1.77
N ASP B 248 -13.58 -24.71 -2.92
CA ASP B 248 -13.53 -26.19 -3.12
C ASP B 248 -12.10 -26.73 -2.97
N ILE B 249 -11.11 -25.98 -3.46
CA ILE B 249 -9.70 -26.40 -3.25
C ILE B 249 -9.34 -26.27 -1.77
N MET B 250 -9.71 -25.20 -1.10
CA MET B 250 -9.36 -25.02 0.33
C MET B 250 -9.94 -26.17 1.16
N ARG B 251 -11.17 -26.60 0.88
CA ARG B 251 -11.79 -27.76 1.59
C ARG B 251 -10.89 -28.99 1.53
N SER B 252 -10.25 -29.27 0.40
CA SER B 252 -9.33 -30.42 0.30
C SER B 252 -8.08 -30.30 1.20
N TYR B 253 -7.67 -29.08 1.58
CA TYR B 253 -6.45 -28.83 2.40
C TYR B 253 -6.82 -28.44 3.82
N GLN B 254 -8.11 -28.40 4.20
CA GLN B 254 -8.49 -27.79 5.50
C GLN B 254 -8.01 -28.62 6.70
N ASP B 255 -7.69 -29.89 6.49
CA ASP B 255 -7.26 -30.77 7.59
C ASP B 255 -5.88 -30.29 8.09
N LEU B 256 -5.17 -29.46 7.29
CA LEU B 256 -3.80 -29.01 7.67
C LEU B 256 -3.81 -27.86 8.67
N TYR B 257 -4.93 -27.22 8.97
CA TYR B 257 -4.98 -26.18 10.01
C TYR B 257 -4.56 -26.73 11.37
N LEU B 258 -3.89 -25.88 12.15
CA LEU B 258 -3.46 -26.22 13.53
C LEU B 258 -4.35 -25.49 14.55
N GLU B 259 -5.27 -24.65 14.12
CA GLU B 259 -6.19 -23.89 15.02
C GLU B 259 -7.62 -24.14 14.56
N ASN B 260 -8.62 -23.72 15.33
CA ASN B 260 -10.04 -24.06 15.04
C ASN B 260 -11.01 -22.91 15.35
N ASN B 261 -12.29 -23.08 15.04
CA ASN B 261 -13.39 -22.17 15.46
C ASN B 261 -13.21 -20.80 14.81
N PHE B 262 -13.22 -20.81 13.49
CA PHE B 262 -12.93 -19.63 12.65
C PHE B 262 -14.13 -18.72 12.54
N THR B 263 -13.87 -17.50 12.08
CA THR B 263 -14.93 -16.48 11.83
C THR B 263 -15.32 -16.50 10.35
N PHE B 264 -16.62 -16.59 10.12
CA PHE B 264 -17.24 -16.53 8.78
C PHE B 264 -18.07 -15.26 8.66
N ASP B 265 -18.16 -14.75 7.44
CA ASP B 265 -18.87 -13.48 7.15
C ASP B 265 -19.71 -13.71 5.90
N VAL B 266 -21.03 -13.65 6.04
CA VAL B 266 -22.02 -14.05 5.00
C VAL B 266 -22.74 -12.80 4.50
N PRO B 267 -22.96 -12.67 3.19
CA PRO B 267 -23.76 -11.58 2.68
C PRO B 267 -25.23 -11.67 3.08
N VAL B 268 -25.83 -10.53 3.34
CA VAL B 268 -27.30 -10.38 3.54
C VAL B 268 -27.86 -9.41 2.49
N PHE B 269 -28.88 -9.85 1.79
CA PHE B 269 -29.55 -9.10 0.70
C PHE B 269 -30.87 -8.57 1.27
N ALA B 270 -31.33 -7.45 0.71
CA ALA B 270 -32.53 -6.72 1.19
C ALA B 270 -33.72 -7.69 1.17
N GLY B 271 -34.09 -8.18 0.00
CA GLY B 271 -35.30 -9.02 -0.20
C GLY B 271 -35.92 -8.84 -1.59
#